data_5W7W
#
_entry.id   5W7W
#
_cell.length_a   56.794
_cell.length_b   96.944
_cell.length_c   34.696
_cell.angle_alpha   90.00
_cell.angle_beta   90.00
_cell.angle_gamma   90.00
#
_symmetry.space_group_name_H-M   'P 21 21 2'
#
loop_
_entity.id
_entity.type
_entity.pdbx_description
1 polymer 'Aprataxin and PNK-like factor'
2 non-polymer 'FORMIC ACID'
3 non-polymer 'SODIUM ION'
4 water water
#
_entity_poly.entity_id   1
_entity_poly.type   'polypeptide(L)'
_entity_poly.pdbx_seq_one_letter_code
;SFTMSGGFELQPRDGGPRVALAPGETVIGRGPLLGITDKRVSRRHAILEVAGGQLRIKPIHTNPCFYQSSEKSQLLPLKP
NLWCYLNPGDSFSLLVDKYIFRILSIPS
;
_entity_poly.pdbx_strand_id   T,A
#
loop_
_chem_comp.id
_chem_comp.type
_chem_comp.name
_chem_comp.formula
FMT non-polymer 'FORMIC ACID' 'C H2 O2'
NA non-polymer 'SODIUM ION' 'Na 1'
#
# COMPACT_ATOMS: atom_id res chain seq x y z
N THR A 3 -14.61 -15.42 12.93
CA THR A 3 -13.16 -15.54 13.11
C THR A 3 -12.68 -14.63 14.23
N MET A 4 -11.36 -14.54 14.41
CA MET A 4 -10.83 -13.78 15.53
C MET A 4 -10.71 -12.30 15.19
N SER A 5 -10.35 -11.52 16.20
CA SER A 5 -10.09 -10.11 16.00
C SER A 5 -8.89 -9.92 15.09
N GLY A 6 -9.05 -9.10 14.07
CA GLY A 6 -7.95 -8.68 13.23
C GLY A 6 -7.32 -7.36 13.61
N GLY A 7 -7.78 -6.70 14.66
CA GLY A 7 -7.12 -5.47 15.08
C GLY A 7 -7.60 -4.21 14.39
N PHE A 8 -8.61 -4.31 13.54
CA PHE A 8 -9.16 -3.17 12.84
C PHE A 8 -10.68 -3.21 12.95
N GLU A 9 -11.28 -2.04 13.04
CA GLU A 9 -12.71 -1.89 12.95
C GLU A 9 -13.04 -0.79 11.97
N LEU A 10 -14.20 -0.93 11.33
CA LEU A 10 -14.73 0.06 10.42
C LEU A 10 -15.81 0.87 11.13
N GLN A 11 -15.68 2.18 11.08
CA GLN A 11 -16.62 3.08 11.75
C GLN A 11 -17.42 3.87 10.72
N PRO A 12 -18.73 3.66 10.60
CA PRO A 12 -19.49 4.39 9.59
C PRO A 12 -19.52 5.88 9.88
N ARG A 13 -19.19 6.68 8.88
CA ARG A 13 -19.11 8.11 9.08
C ARG A 13 -20.47 8.73 9.34
N ASP A 14 -21.54 8.10 8.87
CA ASP A 14 -22.90 8.59 9.12
C ASP A 14 -23.40 8.22 10.51
N GLY A 15 -22.62 7.48 11.28
CA GLY A 15 -23.01 7.00 12.58
C GLY A 15 -23.43 5.56 12.53
N GLY A 16 -23.35 4.88 13.67
CA GLY A 16 -23.84 3.53 13.81
C GLY A 16 -22.78 2.57 14.30
N PRO A 17 -23.15 1.31 14.48
CA PRO A 17 -22.20 0.35 15.05
C PRO A 17 -20.95 0.17 14.22
N ARG A 18 -19.83 -0.01 14.91
CA ARG A 18 -18.59 -0.35 14.25
C ARG A 18 -18.62 -1.81 13.82
N VAL A 19 -17.88 -2.13 12.78
CA VAL A 19 -17.81 -3.48 12.22
C VAL A 19 -16.39 -3.99 12.35
N ALA A 20 -16.19 -5.08 13.06
CA ALA A 20 -14.87 -5.63 13.24
C ALA A 20 -14.47 -6.51 12.07
N LEU A 21 -13.18 -6.47 11.76
CA LEU A 21 -12.61 -7.29 10.70
C LEU A 21 -11.74 -8.40 11.28
N ALA A 22 -11.80 -9.57 10.67
CA ALA A 22 -10.95 -10.69 11.01
C ALA A 22 -9.68 -10.66 10.18
N PRO A 23 -8.66 -11.43 10.58
CA PRO A 23 -7.46 -11.55 9.73
C PRO A 23 -7.80 -12.15 8.38
N GLY A 24 -7.01 -11.80 7.38
CA GLY A 24 -7.18 -12.34 6.04
C GLY A 24 -8.08 -11.47 5.20
N GLU A 25 -8.61 -12.06 4.14
CA GLU A 25 -9.45 -11.34 3.19
C GLU A 25 -10.91 -11.40 3.61
N THR A 26 -11.60 -10.28 3.44
CA THR A 26 -13.04 -10.16 3.63
C THR A 26 -13.60 -9.44 2.42
N VAL A 27 -14.55 -10.07 1.72
CA VAL A 27 -15.25 -9.42 0.62
C VAL A 27 -16.28 -8.47 1.21
N ILE A 28 -16.31 -7.24 0.70
CA ILE A 28 -17.30 -6.26 1.15
C ILE A 28 -18.11 -5.76 -0.03
N GLY A 29 -19.26 -5.20 0.29
CA GLY A 29 -20.24 -4.77 -0.68
C GLY A 29 -21.59 -4.84 -0.01
N ARG A 30 -22.62 -5.04 -0.82
N ARG A 30 -22.62 -5.05 -0.82
CA ARG A 30 -23.93 -5.20 -0.21
CA ARG A 30 -23.96 -5.19 -0.25
C ARG A 30 -24.01 -6.52 0.51
C ARG A 30 -24.12 -6.54 0.42
N GLY A 31 -24.85 -6.56 1.54
CA GLY A 31 -25.02 -7.74 2.34
C GLY A 31 -25.05 -7.43 3.82
N PRO A 32 -25.14 -8.48 4.63
CA PRO A 32 -25.35 -8.28 6.08
C PRO A 32 -24.13 -7.79 6.84
N LEU A 33 -22.91 -7.97 6.31
CA LEU A 33 -21.73 -7.57 7.08
C LEU A 33 -21.77 -6.08 7.40
N LEU A 34 -21.97 -5.26 6.38
CA LEU A 34 -22.05 -3.82 6.57
C LEU A 34 -23.49 -3.32 6.64
N GLY A 35 -24.46 -4.19 6.41
CA GLY A 35 -25.85 -3.78 6.47
C GLY A 35 -26.31 -2.98 5.28
N ILE A 36 -25.76 -3.25 4.11
CA ILE A 36 -26.04 -2.49 2.90
C ILE A 36 -26.98 -3.30 2.03
N THR A 37 -28.10 -2.69 1.65
N THR A 37 -28.13 -2.72 1.68
CA THR A 37 -29.06 -3.27 0.69
CA THR A 37 -29.04 -3.29 0.68
C THR A 37 -29.29 -2.18 -0.35
C THR A 37 -29.24 -2.16 -0.32
N ASP A 38 -28.61 -2.28 -1.48
CA ASP A 38 -28.53 -1.15 -2.40
C ASP A 38 -28.04 -1.67 -3.74
N LYS A 39 -28.85 -1.47 -4.78
CA LYS A 39 -28.49 -1.92 -6.11
C LYS A 39 -27.21 -1.26 -6.63
N ARG A 40 -26.81 -0.13 -6.07
CA ARG A 40 -25.64 0.59 -6.54
C ARG A 40 -24.33 0.00 -6.02
N VAL A 41 -24.41 -0.95 -5.10
CA VAL A 41 -23.22 -1.55 -4.51
C VAL A 41 -23.25 -3.04 -4.83
N SER A 42 -22.16 -3.54 -5.42
CA SER A 42 -22.08 -4.95 -5.74
C SER A 42 -21.95 -5.79 -4.48
N ARG A 43 -22.38 -7.05 -4.58
CA ARG A 43 -22.06 -8.02 -3.54
C ARG A 43 -20.56 -8.26 -3.46
N ARG A 44 -19.85 -8.05 -4.56
CA ARG A 44 -18.39 -8.22 -4.63
C ARG A 44 -17.79 -6.89 -5.06
N HIS A 45 -17.88 -5.92 -4.16
CA HIS A 45 -17.46 -4.55 -4.47
C HIS A 45 -15.97 -4.32 -4.23
N ALA A 46 -15.44 -4.88 -3.15
CA ALA A 46 -14.03 -4.73 -2.81
C ALA A 46 -13.62 -5.88 -1.92
N ILE A 47 -12.30 -6.07 -1.81
CA ILE A 47 -11.71 -6.99 -0.85
C ILE A 47 -10.92 -6.17 0.16
N LEU A 48 -11.16 -6.40 1.44
CA LEU A 48 -10.31 -5.90 2.50
C LEU A 48 -9.41 -7.03 2.96
N GLU A 49 -8.14 -6.73 3.21
CA GLU A 49 -7.25 -7.73 3.76
C GLU A 49 -6.53 -7.18 4.97
N VAL A 50 -6.57 -7.94 6.07
CA VAL A 50 -5.82 -7.68 7.29
C VAL A 50 -4.66 -8.67 7.33
N ALA A 51 -3.44 -8.15 7.38
CA ALA A 51 -2.25 -8.98 7.44
C ALA A 51 -1.10 -8.16 7.95
N GLY A 52 -0.29 -8.75 8.82
CA GLY A 52 0.93 -8.09 9.24
C GLY A 52 0.71 -6.72 9.82
N GLY A 53 -0.37 -6.52 10.56
CA GLY A 53 -0.62 -5.26 11.20
C GLY A 53 -1.10 -4.16 10.29
N GLN A 54 -1.54 -4.50 9.08
CA GLN A 54 -1.99 -3.52 8.10
C GLN A 54 -3.28 -3.97 7.47
N LEU A 55 -4.04 -2.98 7.01
CA LEU A 55 -5.29 -3.17 6.29
C LEU A 55 -5.13 -2.57 4.90
N ARG A 56 -5.49 -3.33 3.86
CA ARG A 56 -5.51 -2.80 2.50
C ARG A 56 -6.82 -3.17 1.83
N ILE A 57 -7.19 -2.35 0.83
CA ILE A 57 -8.42 -2.53 0.07
C ILE A 57 -8.07 -2.67 -1.41
N LYS A 58 -8.76 -3.59 -2.08
CA LYS A 58 -8.66 -3.76 -3.53
C LYS A 58 -10.05 -3.60 -4.13
N PRO A 59 -10.31 -2.54 -4.90
CA PRO A 59 -11.61 -2.43 -5.58
C PRO A 59 -11.72 -3.47 -6.69
N ILE A 60 -12.81 -4.23 -6.70
CA ILE A 60 -12.93 -5.36 -7.64
C ILE A 60 -14.19 -5.28 -8.50
N HIS A 61 -14.85 -4.13 -8.57
CA HIS A 61 -16.06 -4.00 -9.37
C HIS A 61 -15.94 -2.80 -10.29
N THR A 62 -16.82 -2.73 -11.29
CA THR A 62 -16.81 -1.56 -12.15
C THR A 62 -17.18 -0.28 -11.40
N ASN A 63 -18.06 -0.37 -10.40
CA ASN A 63 -18.35 0.77 -9.55
C ASN A 63 -17.18 0.96 -8.60
N PRO A 64 -16.61 2.15 -8.51
CA PRO A 64 -15.33 2.33 -7.81
C PRO A 64 -15.47 2.34 -6.31
N CYS A 65 -14.32 2.26 -5.66
CA CYS A 65 -14.18 2.62 -4.26
C CYS A 65 -13.47 3.96 -4.16
N PHE A 66 -13.59 4.60 -3.01
CA PHE A 66 -13.01 5.91 -2.78
C PHE A 66 -12.17 5.88 -1.51
N TYR A 67 -11.19 6.77 -1.46
CA TYR A 67 -10.21 6.84 -0.40
C TYR A 67 -9.99 8.28 0.03
N GLN A 68 -9.87 8.50 1.33
CA GLN A 68 -9.53 9.80 1.91
C GLN A 68 -8.48 9.60 2.98
N SER A 69 -7.27 10.08 2.75
CA SER A 69 -6.25 10.05 3.78
C SER A 69 -6.68 10.89 4.98
N SER A 70 -6.21 10.48 6.16
CA SER A 70 -6.70 11.07 7.40
C SER A 70 -6.54 12.58 7.46
N GLU A 71 -5.47 13.13 6.89
N GLU A 71 -5.48 13.12 6.85
CA GLU A 71 -5.23 14.57 6.94
CA GLU A 71 -5.18 14.55 6.91
C GLU A 71 -5.55 15.26 5.62
C GLU A 71 -5.89 15.35 5.83
N LYS A 72 -6.45 14.69 4.83
CA LYS A 72 -7.03 15.34 3.66
C LYS A 72 -8.54 15.43 3.83
N SER A 73 -9.21 16.03 2.85
CA SER A 73 -10.61 16.41 3.00
C SER A 73 -11.52 15.86 1.91
N GLN A 74 -11.03 15.03 1.00
CA GLN A 74 -11.77 14.69 -0.21
C GLN A 74 -11.66 13.19 -0.46
N LEU A 75 -12.79 12.54 -0.68
CA LEU A 75 -12.80 11.15 -1.14
C LEU A 75 -12.41 11.09 -2.62
N LEU A 76 -11.37 10.35 -2.95
CA LEU A 76 -10.84 10.23 -4.31
C LEU A 76 -11.12 8.83 -4.82
N PRO A 77 -11.56 8.64 -6.07
CA PRO A 77 -11.77 7.28 -6.55
C PRO A 77 -10.43 6.56 -6.72
N LEU A 78 -10.37 5.32 -6.26
CA LEU A 78 -9.17 4.51 -6.35
C LEU A 78 -9.00 3.87 -7.72
N LYS A 79 -7.75 3.68 -8.11
CA LYS A 79 -7.46 2.94 -9.34
C LYS A 79 -7.99 1.50 -9.20
N PRO A 80 -8.71 0.97 -10.17
N PRO A 80 -8.68 0.97 -10.19
CA PRO A 80 -9.35 -0.34 -9.99
CA PRO A 80 -9.34 -0.34 -10.00
C PRO A 80 -8.37 -1.51 -9.90
C PRO A 80 -8.37 -1.51 -9.91
N ASN A 81 -8.74 -2.48 -9.08
CA ASN A 81 -8.11 -3.80 -9.04
C ASN A 81 -6.66 -3.77 -8.56
N LEU A 82 -6.30 -2.72 -7.85
CA LEU A 82 -5.00 -2.57 -7.19
C LEU A 82 -5.25 -2.33 -5.71
N TRP A 83 -4.32 -2.78 -4.88
CA TRP A 83 -4.41 -2.56 -3.44
C TRP A 83 -3.98 -1.16 -3.04
N CYS A 84 -4.66 -0.64 -2.04
CA CYS A 84 -4.34 0.61 -1.36
C CYS A 84 -4.36 0.37 0.14
N TYR A 85 -3.28 0.72 0.82
CA TYR A 85 -3.25 0.65 2.28
C TYR A 85 -4.14 1.71 2.91
N LEU A 86 -4.82 1.29 3.98
CA LEU A 86 -5.70 2.15 4.76
C LEU A 86 -5.10 2.24 6.16
N ASN A 87 -4.52 3.38 6.45
CA ASN A 87 -3.94 3.59 7.78
C ASN A 87 -5.04 3.97 8.76
N PRO A 88 -4.85 3.70 10.04
CA PRO A 88 -5.82 4.15 11.04
C PRO A 88 -6.05 5.65 10.89
N GLY A 89 -7.33 6.03 10.91
CA GLY A 89 -7.75 7.39 10.69
C GLY A 89 -8.15 7.71 9.26
N ASP A 90 -7.68 6.93 8.29
CA ASP A 90 -8.09 7.11 6.91
C ASP A 90 -9.55 6.66 6.76
N SER A 91 -10.16 7.04 5.65
CA SER A 91 -11.51 6.62 5.31
C SER A 91 -11.51 5.99 3.92
N PHE A 92 -12.47 5.10 3.70
CA PHE A 92 -12.80 4.66 2.35
C PHE A 92 -14.31 4.65 2.22
N SER A 93 -14.80 4.57 0.98
CA SER A 93 -16.23 4.48 0.79
C SER A 93 -16.58 3.64 -0.42
N LEU A 94 -17.81 3.15 -0.41
CA LEU A 94 -18.30 2.30 -1.49
C LEU A 94 -19.13 3.08 -2.50
N LEU A 95 -19.63 4.26 -2.14
CA LEU A 95 -20.18 5.23 -3.09
C LEU A 95 -19.49 6.55 -2.80
N VAL A 96 -19.59 7.51 -3.71
CA VAL A 96 -18.81 8.73 -3.56
C VAL A 96 -19.16 9.45 -2.28
N ASP A 97 -20.42 9.39 -1.85
CA ASP A 97 -20.93 10.20 -0.75
C ASP A 97 -21.77 9.38 0.22
N LYS A 98 -21.62 8.07 0.22
CA LYS A 98 -22.42 7.19 1.06
C LYS A 98 -21.63 5.93 1.34
N TYR A 99 -21.93 5.27 2.45
CA TYR A 99 -21.20 4.07 2.85
C TYR A 99 -19.71 4.35 3.02
N ILE A 100 -19.42 5.37 3.82
CA ILE A 100 -18.08 5.85 4.14
C ILE A 100 -17.72 5.29 5.50
N PHE A 101 -16.49 4.80 5.64
CA PHE A 101 -16.00 4.21 6.87
C PHE A 101 -14.62 4.74 7.21
N ARG A 102 -14.43 5.09 8.48
CA ARG A 102 -13.12 5.41 9.02
C ARG A 102 -12.51 4.13 9.58
N ILE A 103 -11.20 4.01 9.43
CA ILE A 103 -10.46 2.86 9.95
C ILE A 103 -9.98 3.17 11.37
N LEU A 104 -10.30 2.29 12.29
CA LEU A 104 -9.80 2.36 13.65
C LEU A 104 -8.96 1.13 13.97
N SER A 105 -7.83 1.36 14.65
N SER A 105 -7.83 1.34 14.65
CA SER A 105 -7.03 0.27 15.21
CA SER A 105 -7.03 0.23 15.17
C SER A 105 -7.55 -0.10 16.59
C SER A 105 -7.45 -0.10 16.59
N ILE A 106 -7.60 -1.40 16.86
CA ILE A 106 -8.00 -1.92 18.17
C ILE A 106 -7.04 -3.03 18.57
N PRO A 107 -7.04 -3.45 19.84
CA PRO A 107 -6.43 -4.76 20.14
C PRO A 107 -7.24 -5.91 19.53
N THR B 3 -1.85 -10.02 -12.93
CA THR B 3 -0.48 -9.68 -13.33
C THR B 3 -0.48 -8.48 -14.24
N MET B 4 0.60 -8.35 -14.99
CA MET B 4 0.85 -7.20 -15.86
C MET B 4 1.72 -7.67 -17.02
N SER B 5 1.75 -6.86 -18.08
CA SER B 5 2.75 -7.01 -19.12
C SER B 5 4.07 -6.44 -18.62
N GLY B 6 5.13 -7.21 -18.74
CA GLY B 6 6.44 -6.72 -18.32
C GLY B 6 6.57 -6.72 -16.81
N GLY B 7 7.18 -5.66 -16.28
CA GLY B 7 7.35 -5.54 -14.85
C GLY B 7 8.14 -4.31 -14.46
N PHE B 8 8.84 -4.40 -13.33
CA PHE B 8 9.45 -3.26 -12.68
C PHE B 8 10.96 -3.34 -12.74
N GLU B 9 11.60 -2.17 -12.73
CA GLU B 9 13.04 -2.06 -12.55
C GLU B 9 13.35 -1.02 -11.49
N LEU B 10 14.52 -1.20 -10.87
CA LEU B 10 15.18 -0.16 -10.09
C LEU B 10 16.15 0.60 -10.97
N GLN B 11 16.11 1.93 -10.89
CA GLN B 11 17.04 2.82 -11.58
C GLN B 11 17.81 3.58 -10.52
N PRO B 12 19.07 3.23 -10.26
CA PRO B 12 19.85 3.99 -9.28
C PRO B 12 19.92 5.47 -9.66
N ARG B 13 19.68 6.33 -8.69
CA ARG B 13 19.76 7.77 -8.94
C ARG B 13 21.14 8.22 -9.37
N ASP B 14 22.20 7.54 -8.95
N ASP B 14 22.19 7.46 -8.99
CA ASP B 14 23.52 7.99 -9.40
CA ASP B 14 23.58 7.75 -9.35
C ASP B 14 23.68 7.83 -10.90
C ASP B 14 23.96 7.30 -10.75
N GLY B 15 23.01 6.86 -11.50
N GLY B 15 22.99 6.92 -11.57
CA GLY B 15 23.18 6.53 -12.90
CA GLY B 15 23.24 6.54 -12.95
C GLY B 15 23.69 5.14 -13.16
C GLY B 15 23.72 5.13 -13.19
N GLY B 16 23.89 4.32 -12.13
CA GLY B 16 24.39 2.98 -12.31
C GLY B 16 23.38 2.04 -12.96
N PRO B 17 23.79 0.78 -13.12
CA PRO B 17 22.96 -0.16 -13.89
C PRO B 17 21.59 -0.41 -13.27
N ARG B 18 20.62 -0.59 -14.14
N ARG B 18 20.62 -0.58 -14.16
CA ARG B 18 19.29 -0.90 -13.66
CA ARG B 18 19.26 -0.92 -13.76
C ARG B 18 19.21 -2.37 -13.26
C ARG B 18 19.20 -2.37 -13.29
N VAL B 19 18.20 -2.66 -12.45
CA VAL B 19 17.97 -4.00 -11.91
C VAL B 19 16.51 -4.38 -12.19
N ALA B 20 16.31 -5.46 -12.90
CA ALA B 20 14.96 -5.97 -13.17
C ALA B 20 14.50 -6.79 -11.97
N LEU B 21 13.27 -6.54 -11.52
CA LEU B 21 12.74 -7.22 -10.33
C LEU B 21 11.91 -8.42 -10.73
N ALA B 22 12.16 -9.53 -10.05
CA ALA B 22 11.42 -10.76 -10.29
C ALA B 22 10.10 -10.77 -9.52
N PRO B 23 9.13 -11.55 -9.99
CA PRO B 23 7.93 -11.79 -9.18
C PRO B 23 8.28 -12.35 -7.82
N GLY B 24 7.49 -11.99 -6.82
CA GLY B 24 7.71 -12.48 -5.47
C GLY B 24 8.59 -11.54 -4.68
N GLU B 25 9.20 -12.07 -3.63
CA GLU B 25 10.00 -11.28 -2.70
C GLU B 25 11.47 -11.32 -3.05
N THR B 26 12.12 -10.17 -2.96
CA THR B 26 13.56 -10.01 -3.11
C THR B 26 14.07 -9.21 -1.92
N VAL B 27 14.98 -9.79 -1.15
CA VAL B 27 15.64 -9.08 -0.07
C VAL B 27 16.70 -8.18 -0.67
N ILE B 28 16.75 -6.93 -0.25
CA ILE B 28 17.73 -5.98 -0.73
C ILE B 28 18.52 -5.40 0.45
N GLY B 29 19.68 -4.87 0.11
CA GLY B 29 20.60 -4.29 1.06
C GLY B 29 22.02 -4.36 0.51
N ARG B 30 22.95 -4.47 1.44
CA ARG B 30 24.36 -4.63 1.11
C ARG B 30 24.56 -5.94 0.36
N GLY B 31 25.39 -5.91 -0.68
CA GLY B 31 25.67 -7.10 -1.44
C GLY B 31 25.77 -6.86 -2.92
N PRO B 32 25.90 -7.95 -3.68
CA PRO B 32 26.16 -7.82 -5.12
C PRO B 32 24.96 -7.36 -5.93
N LEU B 33 23.73 -7.63 -5.50
CA LEU B 33 22.57 -7.30 -6.33
C LEU B 33 22.57 -5.83 -6.71
N LEU B 34 22.79 -4.96 -5.73
CA LEU B 34 22.77 -3.52 -5.94
C LEU B 34 24.17 -2.91 -5.94
N GLY B 35 25.20 -3.72 -5.69
CA GLY B 35 26.57 -3.22 -5.66
C GLY B 35 26.88 -2.33 -4.47
N ILE B 36 26.23 -2.55 -3.34
CA ILE B 36 26.39 -1.70 -2.16
C ILE B 36 27.34 -2.41 -1.22
N THR B 37 28.34 -1.68 -0.71
CA THR B 37 29.30 -2.20 0.27
C THR B 37 29.28 -1.44 1.58
N ASP B 38 28.48 -0.40 1.68
CA ASP B 38 28.46 0.45 2.86
C ASP B 38 27.92 -0.32 4.06
N LYS B 39 28.68 -0.32 5.15
CA LYS B 39 28.29 -1.09 6.32
C LYS B 39 27.11 -0.48 7.07
N ARG B 40 26.70 0.74 6.72
CA ARG B 40 25.47 1.30 7.29
C ARG B 40 24.22 0.67 6.71
N VAL B 41 24.35 -0.10 5.63
CA VAL B 41 23.23 -0.79 4.99
C VAL B 41 23.35 -2.27 5.35
N SER B 42 22.29 -2.83 5.92
CA SER B 42 22.28 -4.25 6.26
C SER B 42 22.22 -5.12 5.01
N ARG B 43 22.71 -6.35 5.10
CA ARG B 43 22.42 -7.32 4.06
C ARG B 43 20.93 -7.62 3.97
N ARG B 44 20.19 -7.41 5.05
CA ARG B 44 18.75 -7.63 5.11
C ARG B 44 18.10 -6.31 5.50
N HIS B 45 18.12 -5.37 4.56
CA HIS B 45 17.68 -4.00 4.85
C HIS B 45 16.21 -3.80 4.54
N ALA B 46 15.73 -4.41 3.46
CA ALA B 46 14.34 -4.27 3.07
C ALA B 46 13.94 -5.47 2.22
N ILE B 47 12.64 -5.64 2.07
CA ILE B 47 12.08 -6.62 1.14
C ILE B 47 11.30 -5.88 0.09
N LEU B 48 11.55 -6.20 -1.18
CA LEU B 48 10.70 -5.78 -2.29
C LEU B 48 9.82 -6.94 -2.70
N GLU B 49 8.56 -6.66 -3.02
CA GLU B 49 7.67 -7.70 -3.51
C GLU B 49 6.95 -7.22 -4.75
N VAL B 50 6.98 -8.04 -5.79
CA VAL B 50 6.22 -7.80 -7.02
C VAL B 50 5.12 -8.84 -7.09
N ALA B 51 3.88 -8.38 -7.25
CA ALA B 51 2.72 -9.25 -7.35
C ALA B 51 1.55 -8.43 -7.86
N GLY B 52 0.74 -9.05 -8.70
CA GLY B 52 -0.51 -8.42 -9.13
C GLY B 52 -0.32 -7.06 -9.75
N GLY B 53 0.75 -6.87 -10.50
CA GLY B 53 0.97 -5.59 -11.13
C GLY B 53 1.41 -4.46 -10.22
N GLN B 54 1.83 -4.78 -8.98
CA GLN B 54 2.28 -3.79 -8.03
C GLN B 54 3.59 -4.19 -7.40
N LEU B 55 4.33 -3.17 -7.00
CA LEU B 55 5.58 -3.30 -6.26
C LEU B 55 5.41 -2.64 -4.90
N ARG B 56 5.84 -3.34 -3.84
CA ARG B 56 5.85 -2.76 -2.50
C ARG B 56 7.19 -3.05 -1.83
N ILE B 57 7.54 -2.18 -0.89
CA ILE B 57 8.76 -2.31 -0.09
C ILE B 57 8.37 -2.40 1.38
N LYS B 58 9.09 -3.26 2.12
CA LYS B 58 8.96 -3.34 3.57
C LYS B 58 10.33 -3.14 4.20
N PRO B 59 10.54 -2.10 5.01
CA PRO B 59 11.79 -1.98 5.76
C PRO B 59 11.87 -3.04 6.84
N ILE B 60 13.02 -3.73 6.94
CA ILE B 60 13.15 -4.83 7.90
C ILE B 60 14.38 -4.75 8.79
N HIS B 61 15.00 -3.59 8.89
CA HIS B 61 16.20 -3.42 9.71
C HIS B 61 16.04 -2.22 10.64
N THR B 62 16.92 -2.19 11.64
CA THR B 62 17.01 -1.04 12.55
C THR B 62 17.24 0.24 11.77
N ASN B 63 18.15 0.21 10.83
CA ASN B 63 18.42 1.37 9.98
C ASN B 63 17.29 1.54 8.98
N PRO B 64 16.69 2.72 8.86
CA PRO B 64 15.42 2.84 8.14
C PRO B 64 15.59 2.90 6.63
N CYS B 65 14.45 2.80 5.96
CA CYS B 65 14.33 3.15 4.56
C CYS B 65 13.56 4.46 4.42
N PHE B 66 13.65 5.07 3.25
CA PHE B 66 13.00 6.34 2.97
C PHE B 66 12.26 6.25 1.64
N TYR B 67 11.25 7.11 1.49
CA TYR B 67 10.34 7.07 0.34
C TYR B 67 10.07 8.48 -0.18
N GLN B 68 10.10 8.63 -1.49
CA GLN B 68 9.79 9.89 -2.14
C GLN B 68 8.75 9.63 -3.23
N SER B 69 7.52 10.07 -3.00
CA SER B 69 6.50 9.95 -4.02
C SER B 69 6.90 10.77 -5.25
N SER B 70 6.45 10.33 -6.42
N SER B 70 6.45 10.33 -6.42
CA SER B 70 6.87 10.92 -7.68
CA SER B 70 6.86 10.93 -7.67
C SER B 70 6.62 12.43 -7.72
C SER B 70 6.66 12.44 -7.66
N GLU B 71 5.55 12.89 -7.08
CA GLU B 71 5.21 14.32 -7.09
C GLU B 71 5.90 15.12 -6.00
N LYS B 72 6.63 14.49 -5.10
CA LYS B 72 7.30 15.17 -4.00
C LYS B 72 8.78 15.33 -4.28
N SER B 73 9.44 16.07 -3.39
N SER B 73 9.45 16.07 -3.41
CA SER B 73 10.84 16.44 -3.56
CA SER B 73 10.86 16.38 -3.60
C SER B 73 11.73 16.03 -2.39
C SER B 73 11.76 15.89 -2.47
N GLN B 74 11.20 15.28 -1.43
CA GLN B 74 11.94 14.91 -0.22
C GLN B 74 11.74 13.43 0.08
N LEU B 75 12.81 12.78 0.52
CA LEU B 75 12.74 11.40 1.02
C LEU B 75 12.23 11.39 2.46
N LEU B 76 11.14 10.68 2.70
CA LEU B 76 10.55 10.61 4.03
C LEU B 76 10.76 9.25 4.67
N PRO B 77 10.90 9.17 5.98
CA PRO B 77 11.15 7.88 6.63
C PRO B 77 9.93 6.97 6.54
N LEU B 78 10.19 5.70 6.22
CA LEU B 78 9.15 4.68 6.21
C LEU B 78 9.07 3.99 7.57
N LYS B 79 7.86 3.61 7.96
CA LYS B 79 7.71 2.92 9.24
C LYS B 79 8.26 1.50 9.14
N PRO B 80 8.98 1.03 10.16
CA PRO B 80 9.52 -0.32 10.11
C PRO B 80 8.42 -1.37 10.02
N ASN B 81 8.71 -2.43 9.27
CA ASN B 81 7.88 -3.63 9.16
C ASN B 81 6.57 -3.42 8.40
N LEU B 82 6.32 -2.26 7.83
CA LEU B 82 5.10 -2.02 7.10
C LEU B 82 5.42 -1.97 5.61
N TRP B 83 4.53 -2.55 4.82
CA TRP B 83 4.64 -2.44 3.38
C TRP B 83 4.20 -1.06 2.93
N CYS B 84 4.90 -0.54 1.93
CA CYS B 84 4.55 0.70 1.24
C CYS B 84 4.59 0.44 -0.26
N TYR B 85 3.51 0.77 -0.96
CA TYR B 85 3.48 0.62 -2.42
C TYR B 85 4.36 1.67 -3.09
N LEU B 86 5.03 1.25 -4.16
CA LEU B 86 5.92 2.09 -4.96
C LEU B 86 5.35 2.15 -6.37
N ASN B 87 4.84 3.30 -6.75
CA ASN B 87 4.37 3.48 -8.09
C ASN B 87 5.53 3.86 -9.01
N PRO B 88 5.40 3.59 -10.31
CA PRO B 88 6.43 4.06 -11.24
C PRO B 88 6.67 5.55 -11.07
N GLY B 89 7.93 5.93 -11.02
CA GLY B 89 8.30 7.31 -10.79
C GLY B 89 8.60 7.64 -9.35
N ASP B 90 8.14 6.83 -8.39
CA ASP B 90 8.53 7.02 -7.00
C ASP B 90 9.97 6.59 -6.82
N SER B 91 10.58 7.03 -5.72
CA SER B 91 11.90 6.58 -5.32
C SER B 91 11.85 6.07 -3.88
N PHE B 92 12.83 5.24 -3.55
CA PHE B 92 13.12 4.89 -2.17
C PHE B 92 14.62 4.93 -1.98
N SER B 93 15.05 4.91 -0.73
CA SER B 93 16.48 4.89 -0.45
C SER B 93 16.77 4.07 0.78
N LEU B 94 18.01 3.60 0.86
CA LEU B 94 18.47 2.78 1.98
C LEU B 94 19.27 3.56 3.00
N LEU B 95 19.71 4.77 2.67
CA LEU B 95 20.19 5.76 3.62
C LEU B 95 19.48 7.07 3.29
N VAL B 96 19.60 8.05 4.19
CA VAL B 96 18.78 9.25 4.03
C VAL B 96 19.06 9.97 2.72
N ASP B 97 20.30 9.92 2.24
CA ASP B 97 20.70 10.69 1.06
C ASP B 97 21.60 9.90 0.12
N LYS B 98 21.57 8.58 0.22
CA LYS B 98 22.44 7.70 -0.55
C LYS B 98 21.67 6.43 -0.83
N TYR B 99 22.08 5.73 -1.88
CA TYR B 99 21.49 4.46 -2.28
C TYR B 99 20.00 4.67 -2.55
N ILE B 100 19.74 5.59 -3.48
CA ILE B 100 18.41 6.01 -3.88
C ILE B 100 18.09 5.36 -5.21
N PHE B 101 16.86 4.86 -5.36
CA PHE B 101 16.44 4.14 -6.55
C PHE B 101 15.07 4.64 -6.99
N ARG B 102 14.94 4.95 -8.27
CA ARG B 102 13.65 5.27 -8.85
C ARG B 102 13.03 4.03 -9.48
N ILE B 103 11.73 3.94 -9.42
CA ILE B 103 11.00 2.80 -9.96
C ILE B 103 10.63 3.07 -11.42
N LEU B 104 10.97 2.12 -12.28
CA LEU B 104 10.53 2.13 -13.67
C LEU B 104 9.60 0.96 -13.92
N SER B 105 8.69 1.12 -14.88
CA SER B 105 7.89 0.00 -15.33
C SER B 105 8.08 -0.15 -16.84
N ILE B 106 8.26 -1.40 -17.27
CA ILE B 106 8.57 -1.71 -18.67
C ILE B 106 7.43 -2.54 -19.21
C FMT C . -16.21 9.70 12.02
O1 FMT C . -16.01 10.79 11.50
O2 FMT C . -15.38 8.81 11.97
H FMT C . -17.15 9.57 12.57
C FMT D . -24.51 5.17 4.85
O1 FMT D . -25.75 5.15 4.73
O2 FMT D . -23.85 6.16 4.54
H FMT D . -23.99 4.31 5.24
HO2 FMT D . -24.29 6.96 4.19
C FMT E . -0.52 -12.42 8.74
O1 FMT E . -0.90 -11.50 9.43
O2 FMT E . -1.26 -13.01 7.94
H FMT E . 0.52 -12.77 8.81
HO2 FMT E . -2.19 -12.75 7.85
C FMT F . 3.68 -8.69 -11.71
O1 FMT F . 4.27 -9.54 -12.38
O2 FMT F . 2.52 -8.86 -11.33
H FMT F . 4.17 -7.75 -11.44
HO2 FMT F . 2.06 -9.70 -11.56
NA NA G . 3.11 -10.79 -16.78
#